data_4Q8U
#
_entry.id   4Q8U
#
_cell.length_a   89.751
_cell.length_b   64.490
_cell.length_c   70.896
_cell.angle_alpha   90.00
_cell.angle_beta   93.15
_cell.angle_gamma   90.00
#
_symmetry.space_group_name_H-M   'C 1 2 1'
#
loop_
_entity.id
_entity.type
_entity.pdbx_description
1 polymer 'Queuine tRNA-ribosyltransferase'
2 non-polymer 'ZINC ION'
3 non-polymer GLYCEROL
4 non-polymer 'methyl 4-{2-[(6-amino-8-oxo-7,8-dihydro-1H-imidazo[4,5-g]quinazolin-2-yl)amino]ethyl}benzoate'
5 water water
#
_entity_poly.entity_id   1
_entity_poly.type   'polypeptide(L)'
_entity_poly.pdbx_seq_one_letter_code
;MVEATAQETDRPRFSFSIAAREGKARTGTIEMKRGVIRTPAFMPVGTAATVKALKPETVRATGADIILGNTYHLMLRPGA
ERIAKLGGLHSFMGWDRPILTDSGGYQVMSLSSLTKQSEEGVTFKSHLDGSRHMLSPERSIEIQHLLGSDIVMAFDECTP
YPATPSRAASSMERSMRWAKRSRDAFDSRKEQAENAALFGIQQGSVFENLRQQSADALAEIGFDGYAVGGLAVGEGQDEM
FRVLDFSVPMLPDDKPHYLMGVGKPDDIVGAVERGIDMFDCVLPTRSGRNGQAFTWDGPINIRNARFSEDLKPLDSECHC
AVCQKWSRAYIHHLIRAGEILGAMLMTEHNIAFYQQLMQKIRDSISEGRFSQFAQDFRARYFARNS
;
_entity_poly.pdbx_strand_id   A
#
loop_
_chem_comp.id
_chem_comp.type
_chem_comp.name
_chem_comp.formula
2YW non-polymer 'methyl 4-{2-[(6-amino-8-oxo-7,8-dihydro-1H-imidazo[4,5-g]quinazolin-2-yl)amino]ethyl}benzoate' 'C19 H18 N6 O3'
GOL non-polymer GLYCEROL 'C3 H8 O3'
ZN non-polymer 'ZINC ION' 'Zn 2'
#
# COMPACT_ATOMS: atom_id res chain seq x y z
N ARG A 11 -11.61 -8.30 -17.41
CA ARG A 11 -11.92 -7.87 -18.77
C ARG A 11 -11.74 -6.36 -18.96
N PRO A 12 -12.36 -5.53 -18.10
CA PRO A 12 -12.01 -4.12 -18.31
C PRO A 12 -10.62 -3.75 -17.83
N ARG A 13 -10.07 -2.71 -18.45
CA ARG A 13 -8.79 -2.15 -18.03
C ARG A 13 -8.85 -1.66 -16.58
N PHE A 14 -9.89 -0.92 -16.26
CA PHE A 14 -10.04 -0.33 -14.93
C PHE A 14 -11.45 0.19 -14.74
N SER A 15 -12.20 -0.45 -13.84
CA SER A 15 -13.55 0.01 -13.53
CA SER A 15 -13.55 0.00 -13.53
C SER A 15 -13.81 -0.07 -12.04
N PHE A 16 -14.02 1.09 -11.43
CA PHE A 16 -14.31 1.18 -9.99
C PHE A 16 -15.81 1.33 -9.77
N SER A 17 -16.37 0.44 -8.96
CA SER A 17 -17.79 0.47 -8.61
CA SER A 17 -17.78 0.51 -8.61
C SER A 17 -17.93 0.53 -7.10
N ILE A 18 -18.70 1.50 -6.61
CA ILE A 18 -19.00 1.60 -5.19
C ILE A 18 -20.33 0.92 -4.93
N ALA A 19 -20.31 -0.13 -4.12
CA ALA A 19 -21.50 -0.94 -3.84
C ALA A 19 -22.29 -0.43 -2.65
N ALA A 20 -21.59 0.18 -1.69
CA ALA A 20 -22.24 0.63 -0.47
C ALA A 20 -21.42 1.71 0.21
N ARG A 21 -22.09 2.55 0.98
CA ARG A 21 -21.45 3.63 1.71
C ARG A 21 -21.98 3.71 3.14
N GLU A 22 -21.15 4.23 4.03
CA GLU A 22 -21.60 4.58 5.38
C GLU A 22 -20.77 5.78 5.80
N GLY A 23 -21.41 6.94 5.91
CA GLY A 23 -20.68 8.17 6.13
C GLY A 23 -19.71 8.37 4.98
N LYS A 24 -18.44 8.61 5.31
CA LYS A 24 -17.41 8.76 4.28
C LYS A 24 -16.84 7.43 3.79
N ALA A 25 -17.15 6.34 4.49
CA ALA A 25 -16.62 5.04 4.12
C ALA A 25 -17.33 4.46 2.91
N ARG A 26 -16.57 3.75 2.08
CA ARG A 26 -17.11 3.11 0.89
C ARG A 26 -16.62 1.69 0.78
N THR A 27 -17.40 0.84 0.14
CA THR A 27 -16.93 -0.48 -0.21
C THR A 27 -17.35 -0.80 -1.63
N GLY A 28 -16.51 -1.54 -2.35
CA GLY A 28 -16.82 -1.84 -3.73
C GLY A 28 -15.74 -2.67 -4.36
N THR A 29 -15.56 -2.50 -5.67
CA THR A 29 -14.62 -3.30 -6.41
C THR A 29 -13.92 -2.48 -7.49
N ILE A 30 -12.66 -2.81 -7.73
CA ILE A 30 -11.96 -2.35 -8.93
C ILE A 30 -11.76 -3.57 -9.82
N GLU A 31 -12.36 -3.55 -11.01
CA GLU A 31 -12.12 -4.60 -11.98
C GLU A 31 -10.98 -4.22 -12.90
N MET A 32 -10.01 -5.11 -13.04
CA MET A 32 -8.88 -4.93 -13.94
C MET A 32 -8.67 -6.20 -14.74
N LYS A 33 -7.80 -6.14 -15.75
CA LYS A 33 -7.62 -7.29 -16.62
C LYS A 33 -7.13 -8.52 -15.88
N ARG A 34 -6.27 -8.33 -14.88
CA ARG A 34 -5.70 -9.45 -14.15
CA ARG A 34 -5.70 -9.45 -14.15
C ARG A 34 -6.48 -9.88 -12.91
N GLY A 35 -7.58 -9.20 -12.63
CA GLY A 35 -8.41 -9.59 -11.50
C GLY A 35 -9.23 -8.48 -10.89
N VAL A 36 -10.05 -8.86 -9.93
CA VAL A 36 -10.88 -7.93 -9.18
C VAL A 36 -10.21 -7.61 -7.85
N ILE A 37 -10.26 -6.34 -7.48
CA ILE A 37 -9.75 -5.87 -6.20
C ILE A 37 -10.93 -5.42 -5.35
N ARG A 38 -11.15 -6.10 -4.23
CA ARG A 38 -12.22 -5.71 -3.31
C ARG A 38 -11.74 -4.55 -2.44
N THR A 39 -12.57 -3.52 -2.29
CA THR A 39 -12.16 -2.34 -1.51
C THR A 39 -13.12 -2.12 -0.35
N PRO A 40 -12.62 -1.61 0.79
CA PRO A 40 -11.22 -1.23 1.03
C PRO A 40 -10.27 -2.43 0.96
N ALA A 41 -9.09 -2.17 0.38
CA ALA A 41 -8.11 -3.19 0.07
C ALA A 41 -6.83 -2.96 0.83
N PHE A 42 -6.22 -4.05 1.29
CA PHE A 42 -4.87 -3.98 1.81
C PHE A 42 -3.92 -4.72 0.88
N MET A 43 -2.84 -4.04 0.48
CA MET A 43 -1.83 -4.59 -0.42
C MET A 43 -0.60 -5.01 0.36
N PRO A 44 -0.32 -6.33 0.43
CA PRO A 44 0.97 -6.77 0.97
C PRO A 44 2.09 -6.19 0.13
N VAL A 45 3.21 -5.86 0.78
CA VAL A 45 4.33 -5.24 0.12
C VAL A 45 5.34 -6.29 -0.36
N GLY A 46 5.71 -6.19 -1.63
CA GLY A 46 6.64 -7.13 -2.25
C GLY A 46 7.80 -6.41 -2.92
N THR A 47 8.49 -5.59 -2.13
CA THR A 47 9.51 -4.67 -2.61
C THR A 47 10.62 -5.29 -3.47
N ALA A 48 11.14 -6.45 -3.05
CA ALA A 48 12.20 -7.15 -3.80
C ALA A 48 11.65 -8.27 -4.70
N ALA A 49 10.47 -8.05 -5.27
CA ALA A 49 9.79 -9.03 -6.11
C ALA A 49 9.44 -10.31 -5.33
N THR A 50 9.15 -10.12 -4.04
CA THR A 50 8.65 -11.18 -3.19
C THR A 50 7.97 -10.54 -1.99
N VAL A 51 6.83 -11.10 -1.58
CA VAL A 51 6.26 -10.73 -0.29
C VAL A 51 7.03 -11.59 0.70
N LYS A 52 7.81 -10.95 1.58
CA LYS A 52 8.86 -11.67 2.31
C LYS A 52 8.32 -12.91 3.06
N ALA A 53 8.97 -14.04 2.78
CA ALA A 53 8.71 -15.32 3.45
C ALA A 53 7.42 -16.04 3.00
N LEU A 54 6.80 -15.56 1.92
CA LEU A 54 5.57 -16.19 1.41
C LEU A 54 5.63 -16.50 -0.07
N LYS A 55 5.23 -17.71 -0.44
CA LYS A 55 4.93 -17.98 -1.84
C LYS A 55 3.72 -17.16 -2.28
N PRO A 56 3.65 -16.77 -3.56
CA PRO A 56 2.47 -16.05 -4.06
C PRO A 56 1.17 -16.79 -3.79
N GLU A 57 1.16 -18.13 -3.87
CA GLU A 57 -0.07 -18.87 -3.62
C GLU A 57 -0.53 -18.65 -2.18
N THR A 58 0.41 -18.51 -1.26
CA THR A 58 0.09 -18.28 0.14
C THR A 58 -0.43 -16.85 0.32
N VAL A 59 0.20 -15.89 -0.36
CA VAL A 59 -0.32 -14.52 -0.34
C VAL A 59 -1.78 -14.52 -0.81
N ARG A 60 -2.07 -15.23 -1.89
CA ARG A 60 -3.44 -15.28 -2.38
C ARG A 60 -4.39 -15.98 -1.38
N ALA A 61 -3.91 -17.07 -0.76
CA ALA A 61 -4.73 -17.84 0.18
C ALA A 61 -5.18 -16.99 1.37
N THR A 62 -4.36 -16.00 1.73
CA THR A 62 -4.74 -15.12 2.85
C THR A 62 -5.85 -14.16 2.47
N GLY A 63 -6.12 -14.01 1.18
CA GLY A 63 -7.17 -13.13 0.71
C GLY A 63 -6.73 -11.91 -0.09
N ALA A 64 -5.42 -11.71 -0.25
CA ALA A 64 -4.94 -10.57 -1.02
C ALA A 64 -5.37 -10.63 -2.47
N ASP A 65 -5.83 -9.48 -3.00
CA ASP A 65 -6.25 -9.33 -4.39
C ASP A 65 -5.18 -8.65 -5.26
N ILE A 66 -4.25 -7.96 -4.61
CA ILE A 66 -3.27 -7.12 -5.29
C ILE A 66 -2.09 -6.97 -4.32
N ILE A 67 -0.88 -6.88 -4.86
CA ILE A 67 0.31 -6.62 -4.05
C ILE A 67 1.04 -5.39 -4.58
N LEU A 68 1.94 -4.86 -3.76
CA LEU A 68 2.68 -3.66 -4.11
C LEU A 68 4.13 -4.01 -4.43
N GLY A 69 4.63 -3.42 -5.52
CA GLY A 69 6.04 -3.46 -5.84
C GLY A 69 6.62 -2.06 -5.90
N ASN A 70 7.93 -1.96 -6.12
CA ASN A 70 8.63 -0.69 -6.02
C ASN A 70 9.55 -0.44 -7.20
N THR A 71 9.31 0.65 -7.92
CA THR A 71 10.17 1.07 -9.02
C THR A 71 11.63 1.22 -8.58
N TYR A 72 11.86 1.84 -7.43
CA TYR A 72 13.22 2.11 -6.97
C TYR A 72 14.02 0.82 -6.75
N HIS A 73 13.46 -0.11 -5.98
CA HIS A 73 14.20 -1.33 -5.69
C HIS A 73 14.44 -2.17 -6.94
N LEU A 74 13.42 -2.32 -7.75
CA LEU A 74 13.52 -3.23 -8.90
C LEU A 74 14.37 -2.66 -10.02
N MET A 75 14.45 -1.33 -10.14
CA MET A 75 15.28 -0.74 -11.17
C MET A 75 16.75 -0.98 -10.86
N LEU A 76 17.07 -1.18 -9.58
CA LEU A 76 18.44 -1.45 -9.16
C LEU A 76 18.74 -2.94 -9.18
N ARG A 77 17.79 -3.74 -8.71
CA ARG A 77 17.98 -5.17 -8.61
C ARG A 77 16.63 -5.85 -8.73
N PRO A 78 16.44 -6.65 -9.79
CA PRO A 78 17.40 -7.10 -10.82
C PRO A 78 17.54 -6.17 -12.04
N GLY A 79 16.79 -5.07 -12.10
CA GLY A 79 16.82 -4.18 -13.25
C GLY A 79 15.54 -4.27 -14.06
N ALA A 80 15.06 -3.14 -14.55
CA ALA A 80 13.78 -3.08 -15.25
C ALA A 80 13.84 -3.76 -16.63
N GLU A 81 14.88 -3.46 -17.41
CA GLU A 81 15.04 -4.12 -18.71
C GLU A 81 15.20 -5.63 -18.53
N ARG A 82 15.94 -6.04 -17.51
CA ARG A 82 16.10 -7.46 -17.23
C ARG A 82 14.77 -8.14 -16.91
N ILE A 83 13.98 -7.54 -16.03
CA ILE A 83 12.67 -8.11 -15.72
C ILE A 83 11.81 -8.20 -16.99
N ALA A 84 11.84 -7.16 -17.83
CA ALA A 84 11.06 -7.22 -19.06
C ALA A 84 11.53 -8.34 -19.99
N LYS A 85 12.84 -8.52 -20.09
CA LYS A 85 13.40 -9.59 -20.90
C LYS A 85 12.96 -10.96 -20.39
N LEU A 86 12.78 -11.06 -19.07
CA LEU A 86 12.39 -12.33 -18.47
C LEU A 86 10.87 -12.55 -18.49
N GLY A 87 10.14 -11.62 -19.09
CA GLY A 87 8.70 -11.79 -19.22
C GLY A 87 7.83 -10.90 -18.37
N GLY A 88 8.43 -9.97 -17.63
CA GLY A 88 7.66 -9.06 -16.80
C GLY A 88 7.62 -9.51 -15.35
N LEU A 89 7.26 -8.59 -14.46
CA LEU A 89 7.27 -8.87 -13.03
C LEU A 89 6.30 -9.99 -12.64
N HIS A 90 5.14 -10.05 -13.27
CA HIS A 90 4.16 -11.07 -12.90
C HIS A 90 4.71 -12.48 -13.09
N SER A 91 5.23 -12.74 -14.28
CA SER A 91 5.82 -14.03 -14.62
CA SER A 91 5.78 -14.06 -14.57
C SER A 91 7.06 -14.32 -13.76
N PHE A 92 7.89 -13.29 -13.59
CA PHE A 92 9.14 -13.42 -12.85
C PHE A 92 8.87 -13.96 -11.43
N MET A 93 7.96 -13.33 -10.70
CA MET A 93 7.73 -13.70 -9.30
C MET A 93 6.59 -14.71 -9.11
N GLY A 94 5.83 -14.99 -10.17
CA GLY A 94 4.74 -15.95 -10.08
C GLY A 94 3.47 -15.44 -9.43
N TRP A 95 3.20 -14.14 -9.58
CA TRP A 95 1.95 -13.54 -9.11
C TRP A 95 1.21 -13.03 -10.34
N ASP A 96 0.05 -13.62 -10.64
CA ASP A 96 -0.65 -13.33 -11.89
C ASP A 96 -1.80 -12.33 -11.77
N ARG A 97 -1.97 -11.79 -10.56
CA ARG A 97 -3.04 -10.84 -10.26
C ARG A 97 -2.49 -9.40 -10.32
N PRO A 98 -3.33 -8.40 -10.06
CA PRO A 98 -2.81 -7.04 -10.19
C PRO A 98 -1.65 -6.74 -9.26
N ILE A 99 -0.74 -5.89 -9.76
CA ILE A 99 0.37 -5.33 -9.00
C ILE A 99 0.32 -3.82 -9.15
N LEU A 100 0.40 -3.11 -8.02
CA LEU A 100 0.59 -1.68 -8.02
C LEU A 100 2.06 -1.41 -7.75
N THR A 101 2.67 -0.50 -8.53
CA THR A 101 4.05 -0.13 -8.24
C THR A 101 4.17 1.32 -7.81
N ASP A 102 4.83 1.57 -6.68
CA ASP A 102 5.19 2.94 -6.35
C ASP A 102 6.20 3.45 -7.37
N SER A 103 6.29 4.76 -7.51
CA SER A 103 6.98 5.40 -8.64
C SER A 103 8.46 5.65 -8.41
N GLY A 104 8.90 5.46 -7.17
CA GLY A 104 10.27 5.73 -6.82
C GLY A 104 10.45 7.05 -6.12
N GLY A 105 9.41 7.89 -6.15
CA GLY A 105 9.50 9.26 -5.66
C GLY A 105 9.84 9.36 -4.19
N TYR A 106 9.34 8.40 -3.42
CA TYR A 106 9.56 8.38 -1.97
C TYR A 106 10.83 7.61 -1.63
N GLN A 107 10.99 6.42 -2.21
CA GLN A 107 12.12 5.58 -1.86
C GLN A 107 13.47 6.17 -2.27
N VAL A 108 13.51 6.89 -3.40
CA VAL A 108 14.75 7.52 -3.83
C VAL A 108 15.29 8.48 -2.78
N MET A 109 14.39 9.18 -2.08
CA MET A 109 14.82 10.13 -1.07
C MET A 109 15.03 9.47 0.29
N SER A 110 14.34 8.36 0.52
CA SER A 110 14.43 7.65 1.78
C SER A 110 15.69 6.79 1.89
N LEU A 111 16.07 6.17 0.78
CA LEU A 111 17.09 5.12 0.82
C LEU A 111 18.43 5.45 0.18
N SER A 112 18.44 6.39 -0.77
CA SER A 112 19.67 6.72 -1.50
C SER A 112 20.71 7.38 -0.62
N SER A 113 21.98 7.09 -0.90
CA SER A 113 23.09 7.63 -0.13
C SER A 113 23.36 9.09 -0.48
N LEU A 114 23.08 9.44 -1.74
CA LEU A 114 23.24 10.81 -2.21
C LEU A 114 22.20 11.12 -3.27
N THR A 115 21.60 12.29 -3.20
CA THR A 115 20.60 12.70 -4.17
C THR A 115 20.80 14.13 -4.64
N LYS A 116 20.47 14.37 -5.91
CA LYS A 116 20.42 15.71 -6.46
C LYS A 116 19.03 15.91 -7.07
N GLN A 117 18.29 16.87 -6.54
CA GLN A 117 16.93 17.14 -7.02
C GLN A 117 16.90 18.35 -7.95
N SER A 118 16.09 18.26 -9.01
CA SER A 118 15.94 19.36 -9.96
C SER A 118 14.57 19.26 -10.62
N GLU A 119 14.27 20.20 -11.50
CA GLU A 119 12.99 20.16 -12.20
C GLU A 119 12.87 18.92 -13.09
N GLU A 120 14.00 18.44 -13.62
CA GLU A 120 14.01 17.27 -14.48
C GLU A 120 13.63 16.00 -13.72
N GLY A 121 14.13 15.86 -12.49
CA GLY A 121 13.93 14.66 -11.72
C GLY A 121 14.95 14.55 -10.61
N VAL A 122 15.28 13.32 -10.22
CA VAL A 122 16.24 13.08 -9.15
C VAL A 122 17.38 12.18 -9.63
N THR A 123 18.62 12.65 -9.50
CA THR A 123 19.78 11.78 -9.72
C THR A 123 20.25 11.25 -8.36
N PHE A 124 20.68 10.00 -8.33
CA PHE A 124 21.01 9.38 -7.05
C PHE A 124 22.08 8.30 -7.14
N LYS A 125 22.71 8.03 -5.99
CA LYS A 125 23.63 6.91 -5.87
C LYS A 125 22.93 5.80 -5.09
N SER A 126 23.01 4.58 -5.61
CA SER A 126 22.34 3.44 -5.00
C SER A 126 22.92 3.12 -3.62
N SER A 131 27.03 3.01 -9.84
CA SER A 131 25.91 3.05 -8.89
C SER A 131 25.14 4.36 -9.00
N ARG A 132 25.36 5.08 -10.10
CA ARG A 132 24.66 6.34 -10.35
C ARG A 132 23.44 6.10 -11.24
N HIS A 133 22.30 6.64 -10.83
CA HIS A 133 21.06 6.44 -11.57
C HIS A 133 20.20 7.69 -11.59
N MET A 134 19.16 7.67 -12.41
CA MET A 134 18.26 8.81 -12.50
C MET A 134 16.81 8.37 -12.50
N LEU A 135 15.97 9.17 -11.89
CA LEU A 135 14.54 9.00 -11.98
C LEU A 135 13.89 10.31 -12.36
N SER A 136 12.86 10.22 -13.19
CA SER A 136 12.13 11.38 -13.65
C SER A 136 10.75 10.85 -13.91
N PRO A 137 9.77 11.74 -14.13
CA PRO A 137 8.44 11.22 -14.46
C PRO A 137 8.47 10.27 -15.65
N GLU A 138 9.20 10.63 -16.70
CA GLU A 138 9.25 9.79 -17.89
C GLU A 138 9.93 8.46 -17.64
N ARG A 139 11.07 8.49 -16.94
CA ARG A 139 11.80 7.26 -16.65
C ARG A 139 11.02 6.35 -15.70
N SER A 140 10.37 6.95 -14.70
CA SER A 140 9.58 6.16 -13.76
C SER A 140 8.44 5.44 -14.48
N ILE A 141 7.73 6.15 -15.35
CA ILE A 141 6.63 5.53 -16.09
C ILE A 141 7.16 4.43 -17.01
N GLU A 142 8.31 4.67 -17.64
CA GLU A 142 8.93 3.65 -18.51
CA GLU A 142 8.89 3.65 -18.51
C GLU A 142 9.32 2.41 -17.72
N ILE A 143 9.92 2.61 -16.53
CA ILE A 143 10.29 1.46 -15.70
C ILE A 143 9.04 0.66 -15.33
N GLN A 144 7.98 1.37 -14.93
CA GLN A 144 6.75 0.67 -14.55
C GLN A 144 6.13 -0.05 -15.75
N HIS A 145 6.30 0.51 -16.94
CA HIS A 145 5.88 -0.19 -18.16
C HIS A 145 6.68 -1.48 -18.36
N LEU A 146 8.01 -1.39 -18.25
CA LEU A 146 8.86 -2.56 -18.37
C LEU A 146 8.52 -3.65 -17.35
N LEU A 147 8.19 -3.24 -16.13
CA LEU A 147 7.77 -4.19 -15.09
C LEU A 147 6.42 -4.83 -15.41
N GLY A 148 5.59 -4.11 -16.16
CA GLY A 148 4.25 -4.60 -16.47
C GLY A 148 3.25 -4.37 -15.34
N SER A 149 3.51 -3.34 -14.54
CA SER A 149 2.60 -2.88 -13.49
CA SER A 149 2.60 -2.94 -13.48
C SER A 149 1.17 -2.70 -13.98
N ASP A 150 0.19 -3.10 -13.17
CA ASP A 150 -1.22 -2.85 -13.49
C ASP A 150 -1.70 -1.49 -13.02
N ILE A 151 -1.26 -1.07 -11.84
CA ILE A 151 -1.52 0.29 -11.38
C ILE A 151 -0.19 0.99 -11.25
N VAL A 152 -0.04 2.05 -12.05
CA VAL A 152 1.18 2.83 -12.17
C VAL A 152 0.99 4.08 -11.34
N MET A 153 1.95 4.39 -10.47
CA MET A 153 1.89 5.63 -9.69
C MET A 153 2.63 6.76 -10.40
N ALA A 154 2.06 7.96 -10.37
CA ALA A 154 2.78 9.14 -10.85
C ALA A 154 4.08 9.32 -10.07
N PHE A 155 5.08 9.90 -10.73
CA PHE A 155 6.33 10.22 -10.06
C PHE A 155 6.19 11.55 -9.33
N ASP A 156 6.40 11.53 -8.01
CA ASP A 156 6.14 12.67 -7.15
C ASP A 156 7.30 12.91 -6.21
N GLU A 157 7.10 13.86 -5.31
CA GLU A 157 8.02 14.16 -4.23
C GLU A 157 7.25 14.12 -2.91
N CYS A 158 7.69 13.26 -2.01
CA CYS A 158 7.05 13.21 -0.70
C CYS A 158 7.70 14.26 0.18
N THR A 159 7.00 15.37 0.41
CA THR A 159 7.57 16.48 1.17
C THR A 159 7.98 16.04 2.57
N PRO A 160 9.19 16.41 3.01
CA PRO A 160 9.61 16.07 4.37
C PRO A 160 8.69 16.71 5.40
N TYR A 161 8.63 16.10 6.57
CA TYR A 161 7.81 16.59 7.68
C TYR A 161 8.68 16.86 8.90
N PRO A 162 8.52 18.03 9.53
CA PRO A 162 7.62 19.11 9.13
C PRO A 162 8.21 19.97 8.01
N ALA A 163 7.37 20.78 7.38
CA ALA A 163 7.80 21.69 6.34
C ALA A 163 7.09 23.03 6.53
N THR A 164 7.78 24.11 6.19
CA THR A 164 7.14 25.43 6.21
C THR A 164 6.10 25.44 5.11
N PRO A 165 5.06 26.28 5.27
CA PRO A 165 4.06 26.39 4.21
C PRO A 165 4.69 26.68 2.83
N SER A 166 5.69 27.55 2.77
CA SER A 166 6.29 27.88 1.48
C SER A 166 7.06 26.73 0.87
N ARG A 167 7.80 25.99 1.70
CA ARG A 167 8.51 24.82 1.20
C ARG A 167 7.54 23.71 0.76
N ALA A 168 6.48 23.53 1.54
CA ALA A 168 5.44 22.56 1.17
C ALA A 168 4.81 22.96 -0.15
N ALA A 169 4.60 24.27 -0.35
CA ALA A 169 3.96 24.74 -1.57
C ALA A 169 4.84 24.50 -2.79
N SER A 170 6.11 24.89 -2.71
CA SER A 170 6.99 24.70 -3.86
C SER A 170 7.18 23.20 -4.18
N SER A 171 7.24 22.38 -3.14
CA SER A 171 7.35 20.94 -3.32
C SER A 171 6.11 20.37 -4.01
N MET A 172 4.94 20.74 -3.52
CA MET A 172 3.69 20.25 -4.08
C MET A 172 3.54 20.68 -5.54
N GLU A 173 3.91 21.92 -5.83
CA GLU A 173 3.81 22.43 -7.20
C GLU A 173 4.69 21.64 -8.17
N ARG A 174 5.91 21.33 -7.73
CA ARG A 174 6.77 20.50 -8.55
C ARG A 174 6.12 19.12 -8.76
N SER A 175 5.58 18.52 -7.71
CA SER A 175 4.88 17.26 -7.85
C SER A 175 3.73 17.36 -8.85
N MET A 176 3.04 18.51 -8.88
CA MET A 176 1.92 18.62 -9.82
C MET A 176 2.41 18.71 -11.27
N ARG A 177 3.52 19.41 -11.49
CA ARG A 177 4.13 19.45 -12.82
C ARG A 177 4.59 18.04 -13.20
N TRP A 178 5.14 17.31 -12.24
CA TRP A 178 5.57 15.94 -12.49
C TRP A 178 4.38 15.01 -12.74
N ALA A 179 3.24 15.31 -12.13
CA ALA A 179 2.03 14.52 -12.35
C ALA A 179 1.56 14.64 -13.80
N LYS A 180 1.61 15.86 -14.35
CA LYS A 180 1.24 16.06 -15.74
C LYS A 180 2.22 15.34 -16.67
N ARG A 181 3.51 15.43 -16.37
CA ARG A 181 4.50 14.71 -17.17
C ARG A 181 4.29 13.19 -17.08
N SER A 182 3.89 12.71 -15.91
CA SER A 182 3.60 11.28 -15.74
C SER A 182 2.41 10.86 -16.59
N ARG A 183 1.35 11.65 -16.54
CA ARG A 183 0.16 11.44 -17.37
C ARG A 183 0.52 11.36 -18.85
N ASP A 184 1.31 12.32 -19.31
CA ASP A 184 1.69 12.36 -20.72
C ASP A 184 2.56 11.18 -21.13
N ALA A 185 3.53 10.80 -20.29
CA ALA A 185 4.39 9.67 -20.58
C ALA A 185 3.58 8.36 -20.65
N PHE A 186 2.65 8.19 -19.72
CA PHE A 186 1.80 7.01 -19.67
C PHE A 186 0.92 6.97 -20.93
N ASP A 187 0.32 8.10 -21.29
CA ASP A 187 -0.59 8.13 -22.43
C ASP A 187 0.11 7.90 -23.78
N SER A 188 1.40 8.19 -23.81
CA SER A 188 2.16 8.05 -25.06
CA SER A 188 2.22 8.04 -25.03
C SER A 188 2.54 6.59 -25.33
N ARG A 189 2.41 5.74 -24.31
CA ARG A 189 2.72 4.33 -24.43
C ARG A 189 1.42 3.55 -24.58
N LYS A 190 1.05 3.25 -25.83
CA LYS A 190 -0.27 2.70 -26.14
C LYS A 190 -0.61 1.44 -25.35
N GLU A 191 0.34 0.51 -25.27
CA GLU A 191 0.08 -0.75 -24.58
C GLU A 191 -0.17 -0.51 -23.10
N GLN A 192 0.55 0.45 -22.53
CA GLN A 192 0.40 0.78 -21.13
C GLN A 192 -0.97 1.44 -20.90
N ALA A 193 -1.30 2.41 -21.73
CA ALA A 193 -2.56 3.12 -21.58
C ALA A 193 -3.77 2.22 -21.78
N GLU A 194 -3.62 1.18 -22.59
CA GLU A 194 -4.72 0.25 -22.85
C GLU A 194 -4.91 -0.79 -21.76
N ASN A 195 -3.83 -1.13 -21.04
CA ASN A 195 -3.89 -2.27 -20.13
C ASN A 195 -3.67 -1.97 -18.66
N ALA A 196 -3.16 -0.79 -18.36
CA ALA A 196 -2.86 -0.41 -17.00
C ALA A 196 -3.66 0.82 -16.61
N ALA A 197 -3.58 1.20 -15.33
CA ALA A 197 -4.19 2.39 -14.81
C ALA A 197 -3.13 3.29 -14.21
N LEU A 198 -3.43 4.59 -14.12
CA LEU A 198 -2.48 5.57 -13.61
C LEU A 198 -3.11 6.34 -12.46
N PHE A 199 -2.42 6.38 -11.31
CA PHE A 199 -2.92 7.11 -10.15
C PHE A 199 -2.07 8.37 -9.93
N GLY A 200 -2.72 9.48 -9.60
CA GLY A 200 -2.02 10.69 -9.20
C GLY A 200 -1.83 10.71 -7.70
N ILE A 201 -0.86 11.51 -7.22
CA ILE A 201 -0.56 11.57 -5.79
C ILE A 201 -0.68 13.01 -5.27
N GLN A 202 -1.62 13.22 -4.37
CA GLN A 202 -1.83 14.51 -3.73
C GLN A 202 -0.72 14.79 -2.72
N GLN A 203 -0.20 16.02 -2.77
CA GLN A 203 0.77 16.48 -1.77
C GLN A 203 0.24 17.74 -1.09
N GLY A 204 1.11 18.51 -0.43
CA GLY A 204 0.63 19.66 0.33
C GLY A 204 0.87 19.60 1.83
N SER A 205 1.61 18.59 2.28
CA SER A 205 1.96 18.47 3.70
C SER A 205 0.69 18.47 4.55
N VAL A 206 0.66 19.27 5.61
CA VAL A 206 -0.48 19.29 6.52
C VAL A 206 -1.40 20.49 6.28
N PHE A 207 -1.20 21.16 5.16
CA PHE A 207 -1.83 22.46 4.90
C PHE A 207 -3.06 22.35 4.00
N GLU A 208 -4.22 22.73 4.52
CA GLU A 208 -5.48 22.58 3.82
C GLU A 208 -5.50 23.25 2.44
N ASN A 209 -5.04 24.50 2.36
CA ASN A 209 -5.05 25.20 1.08
C ASN A 209 -4.17 24.52 0.03
N LEU A 210 -3.02 24.00 0.45
CA LEU A 210 -2.11 23.31 -0.48
C LEU A 210 -2.68 21.96 -0.93
N ARG A 211 -3.29 21.23 0.01
CA ARG A 211 -3.99 20.00 -0.33
C ARG A 211 -5.07 20.26 -1.36
N GLN A 212 -5.78 21.37 -1.21
CA GLN A 212 -6.83 21.74 -2.15
C GLN A 212 -6.26 22.06 -3.53
N GLN A 213 -5.20 22.87 -3.56
CA GLN A 213 -4.55 23.20 -4.82
C GLN A 213 -4.04 21.92 -5.50
N SER A 214 -3.52 20.99 -4.71
CA SER A 214 -3.00 19.75 -5.27
C SER A 214 -4.14 18.90 -5.84
N ALA A 215 -5.22 18.76 -5.08
CA ALA A 215 -6.39 18.01 -5.55
C ALA A 215 -6.94 18.61 -6.85
N ASP A 216 -7.03 19.94 -6.90
CA ASP A 216 -7.51 20.63 -8.09
C ASP A 216 -6.63 20.31 -9.30
N ALA A 217 -5.31 20.39 -9.11
CA ALA A 217 -4.39 20.12 -10.21
C ALA A 217 -4.52 18.69 -10.72
N LEU A 218 -4.63 17.73 -9.79
CA LEU A 218 -4.73 16.34 -10.18
C LEU A 218 -6.04 16.05 -10.91
N ALA A 219 -7.13 16.61 -10.42
CA ALA A 219 -8.44 16.39 -11.04
C ALA A 219 -8.50 17.00 -12.45
N GLU A 220 -7.84 18.14 -12.62
CA GLU A 220 -7.79 18.79 -13.93
C GLU A 220 -7.07 17.91 -14.96
N ILE A 221 -5.97 17.29 -14.52
CA ILE A 221 -5.23 16.37 -15.37
C ILE A 221 -6.07 15.13 -15.62
N GLY A 222 -6.60 14.56 -14.54
CA GLY A 222 -7.44 13.38 -14.61
C GLY A 222 -6.64 12.09 -14.45
N PHE A 223 -7.01 11.30 -13.43
CA PHE A 223 -6.36 10.03 -13.15
C PHE A 223 -7.41 8.96 -12.89
N ASP A 224 -6.98 7.70 -12.90
CA ASP A 224 -7.87 6.59 -12.59
C ASP A 224 -8.12 6.45 -11.10
N GLY A 225 -7.18 6.96 -10.30
CA GLY A 225 -7.28 6.91 -8.86
C GLY A 225 -6.40 7.98 -8.27
N TYR A 226 -6.58 8.26 -6.99
CA TYR A 226 -5.89 9.36 -6.34
C TYR A 226 -5.35 8.90 -5.01
N ALA A 227 -4.04 9.03 -4.85
CA ALA A 227 -3.39 8.71 -3.60
C ALA A 227 -3.24 9.96 -2.75
N VAL A 228 -3.33 9.77 -1.44
CA VAL A 228 -2.93 10.81 -0.50
C VAL A 228 -1.49 10.51 -0.14
N GLY A 229 -0.59 11.32 -0.69
CA GLY A 229 0.82 11.22 -0.39
C GLY A 229 1.22 12.12 0.75
N GLY A 230 2.48 12.03 1.15
CA GLY A 230 3.04 12.96 2.11
C GLY A 230 2.60 12.73 3.55
N LEU A 231 1.96 11.60 3.84
CA LEU A 231 1.58 11.26 5.20
C LEU A 231 2.30 9.98 5.62
N ALA A 232 2.06 9.55 6.87
CA ALA A 232 2.86 8.49 7.46
C ALA A 232 4.35 8.79 7.30
N VAL A 233 4.72 9.99 7.73
CA VAL A 233 6.09 10.47 7.64
C VAL A 233 6.55 11.04 8.98
N GLY A 234 5.90 10.59 10.05
CA GLY A 234 6.28 10.98 11.40
C GLY A 234 5.30 11.91 12.09
N GLU A 235 4.20 12.24 11.42
CA GLU A 235 3.25 13.20 11.96
C GLU A 235 2.35 12.65 13.09
N GLY A 236 2.24 11.33 13.17
CA GLY A 236 1.41 10.73 14.22
C GLY A 236 -0.05 10.61 13.80
N GLN A 237 -0.79 9.75 14.46
CA GLN A 237 -2.16 9.44 14.03
C GLN A 237 -3.12 10.62 14.13
N ASP A 238 -3.07 11.37 15.21
CA ASP A 238 -3.96 12.51 15.39
C ASP A 238 -3.85 13.48 14.22
N GLU A 239 -2.62 13.86 13.89
CA GLU A 239 -2.38 14.79 12.81
C GLU A 239 -2.73 14.19 11.45
N MET A 240 -2.39 12.92 11.26
CA MET A 240 -2.71 12.26 10.00
C MET A 240 -4.23 12.25 9.78
N PHE A 241 -4.97 11.91 10.83
CA PHE A 241 -6.43 11.93 10.75
C PHE A 241 -6.98 13.34 10.49
N ARG A 242 -6.40 14.35 11.16
CA ARG A 242 -6.81 15.73 10.93
C ARG A 242 -6.65 16.13 9.46
N VAL A 243 -5.52 15.75 8.85
CA VAL A 243 -5.28 16.07 7.45
C VAL A 243 -6.22 15.28 6.55
N LEU A 244 -6.45 14.01 6.88
CA LEU A 244 -7.37 13.21 6.08
C LEU A 244 -8.79 13.78 6.12
N ASP A 245 -9.18 14.32 7.28
CA ASP A 245 -10.50 14.91 7.46
C ASP A 245 -10.85 15.91 6.35
N PHE A 246 -9.91 16.79 6.02
CA PHE A 246 -10.18 17.74 4.94
C PHE A 246 -9.66 17.32 3.57
N SER A 247 -8.66 16.44 3.53
CA SER A 247 -7.99 16.15 2.26
C SER A 247 -8.74 15.16 1.39
N VAL A 248 -9.26 14.11 1.98
CA VAL A 248 -9.95 13.11 1.18
C VAL A 248 -11.20 13.64 0.44
N PRO A 249 -12.02 14.49 1.10
CA PRO A 249 -13.18 15.01 0.37
C PRO A 249 -12.81 15.89 -0.84
N MET A 250 -11.56 16.32 -0.91
CA MET A 250 -11.10 17.13 -2.03
C MET A 250 -10.90 16.31 -3.30
N LEU A 251 -10.70 15.01 -3.13
CA LEU A 251 -10.44 14.12 -4.24
C LEU A 251 -11.75 13.73 -4.91
N PRO A 252 -11.71 13.39 -6.21
CA PRO A 252 -12.94 12.95 -6.87
C PRO A 252 -13.57 11.76 -6.13
N ASP A 253 -14.86 11.87 -5.86
CA ASP A 253 -15.56 10.85 -5.11
C ASP A 253 -15.63 9.53 -5.87
N ASP A 254 -15.69 9.60 -7.19
CA ASP A 254 -15.95 8.42 -8.01
C ASP A 254 -14.73 7.61 -8.41
N LYS A 255 -13.58 7.92 -7.82
CA LYS A 255 -12.36 7.18 -8.08
C LYS A 255 -11.78 6.68 -6.77
N PRO A 256 -10.97 5.61 -6.82
CA PRO A 256 -10.37 5.12 -5.58
C PRO A 256 -9.43 6.12 -4.91
N HIS A 257 -9.35 6.01 -3.58
CA HIS A 257 -8.51 6.84 -2.75
C HIS A 257 -7.51 5.94 -2.03
N TYR A 258 -6.22 6.22 -2.23
CA TYR A 258 -5.16 5.33 -1.76
C TYR A 258 -4.27 6.07 -0.76
N LEU A 259 -4.23 5.58 0.48
CA LEU A 259 -3.36 6.17 1.50
C LEU A 259 -2.03 5.42 1.54
N MET A 260 -0.97 6.08 1.08
CA MET A 260 0.31 5.40 0.89
C MET A 260 1.04 5.16 2.21
N GLY A 261 1.45 3.91 2.45
CA GLY A 261 2.27 3.58 3.60
C GLY A 261 1.56 3.39 4.93
N VAL A 262 0.24 3.26 4.90
CA VAL A 262 -0.54 3.10 6.12
C VAL A 262 -1.24 1.73 6.09
N GLY A 263 -1.22 0.97 7.18
CA GLY A 263 -0.59 1.33 8.44
C GLY A 263 -0.99 0.29 9.49
N LYS A 264 -0.98 0.70 10.75
CA LYS A 264 -1.44 -0.17 11.84
C LYS A 264 -2.94 -0.40 11.70
N PRO A 265 -3.44 -1.49 12.29
CA PRO A 265 -4.87 -1.77 12.13
C PRO A 265 -5.80 -0.59 12.48
N ASP A 266 -5.54 0.09 13.58
CA ASP A 266 -6.38 1.22 13.95
CA ASP A 266 -6.37 1.23 13.97
C ASP A 266 -6.24 2.40 12.98
N ASP A 267 -5.06 2.55 12.39
CA ASP A 267 -4.87 3.57 11.37
C ASP A 267 -5.76 3.28 10.17
N ILE A 268 -5.80 2.01 9.77
CA ILE A 268 -6.60 1.59 8.63
C ILE A 268 -8.08 1.84 8.91
N VAL A 269 -8.57 1.43 10.08
CA VAL A 269 -9.97 1.63 10.40
C VAL A 269 -10.36 3.12 10.35
N GLY A 270 -9.55 3.97 10.98
CA GLY A 270 -9.84 5.39 11.00
C GLY A 270 -9.74 6.03 9.63
N ALA A 271 -8.81 5.54 8.81
CA ALA A 271 -8.67 6.06 7.45
C ALA A 271 -9.86 5.67 6.57
N VAL A 272 -10.38 4.46 6.76
CA VAL A 272 -11.57 4.05 6.04
C VAL A 272 -12.77 4.94 6.44
N GLU A 273 -12.86 5.25 7.74
CA GLU A 273 -13.88 6.18 8.25
C GLU A 273 -13.79 7.54 7.58
N ARG A 274 -12.63 7.83 7.00
CA ARG A 274 -12.39 9.12 6.38
C ARG A 274 -12.34 9.05 4.85
N GLY A 275 -12.71 7.88 4.29
CA GLY A 275 -12.89 7.77 2.85
C GLY A 275 -11.77 7.11 2.05
N ILE A 276 -10.83 6.46 2.73
CA ILE A 276 -9.76 5.75 2.04
C ILE A 276 -10.18 4.33 1.61
N ASP A 277 -9.79 3.95 0.39
CA ASP A 277 -10.14 2.66 -0.23
C ASP A 277 -8.98 1.68 -0.36
N MET A 278 -7.74 2.14 -0.26
CA MET A 278 -6.58 1.29 -0.51
C MET A 278 -5.44 1.63 0.44
N PHE A 279 -4.68 0.60 0.83
CA PHE A 279 -3.65 0.70 1.84
C PHE A 279 -2.48 -0.21 1.46
N ASP A 280 -1.29 0.15 1.91
CA ASP A 280 -0.15 -0.76 1.87
C ASP A 280 0.71 -0.45 3.06
N CYS A 281 1.39 -1.45 3.60
CA CYS A 281 2.29 -1.25 4.72
CA CYS A 281 2.42 -1.21 4.60
C CYS A 281 3.20 -2.47 4.91
N VAL A 282 4.44 -2.26 5.33
CA VAL A 282 5.33 -3.37 5.63
C VAL A 282 5.10 -3.95 7.02
N LEU A 283 4.25 -3.33 7.83
CA LEU A 283 4.09 -3.76 9.22
CA LEU A 283 4.09 -3.75 9.23
C LEU A 283 3.78 -5.25 9.40
N PRO A 284 2.74 -5.77 8.71
CA PRO A 284 2.46 -7.19 9.01
C PRO A 284 3.61 -8.16 8.67
N THR A 285 4.30 -7.91 7.56
CA THR A 285 5.42 -8.74 7.17
C THR A 285 6.63 -8.51 8.07
N ARG A 286 7.08 -7.25 8.16
CA ARG A 286 8.25 -6.93 8.96
CA ARG A 286 8.25 -6.92 8.97
C ARG A 286 8.07 -7.27 10.45
N SER A 287 6.94 -6.91 11.03
CA SER A 287 6.65 -7.20 12.44
CA SER A 287 6.76 -7.19 12.45
C SER A 287 6.59 -8.70 12.68
N GLY A 288 6.04 -9.41 11.69
CA GLY A 288 5.91 -10.85 11.77
C GLY A 288 7.27 -11.49 11.96
N ARG A 289 8.23 -11.09 11.13
CA ARG A 289 9.59 -11.62 11.23
C ARG A 289 10.23 -11.27 12.57
N ASN A 290 9.84 -10.14 13.14
CA ASN A 290 10.39 -9.69 14.41
C ASN A 290 9.69 -10.26 15.64
N GLY A 291 8.68 -11.10 15.43
CA GLY A 291 8.00 -11.74 16.54
C GLY A 291 6.69 -11.12 16.97
N GLN A 292 6.25 -10.06 16.29
CA GLN A 292 4.98 -9.44 16.65
C GLN A 292 3.82 -10.03 15.85
N ALA A 293 2.84 -10.59 16.53
CA ALA A 293 1.64 -11.13 15.89
C ALA A 293 0.44 -10.24 16.19
N PHE A 294 -0.35 -9.95 15.16
CA PHE A 294 -1.57 -9.19 15.36
C PHE A 294 -2.71 -10.09 15.81
N THR A 295 -3.48 -9.63 16.78
CA THR A 295 -4.65 -10.37 17.24
C THR A 295 -5.78 -9.38 17.48
N TRP A 296 -7.01 -9.88 17.60
CA TRP A 296 -8.15 -9.02 17.85
C TRP A 296 -8.08 -8.34 19.21
N ASP A 297 -7.24 -8.88 20.10
CA ASP A 297 -7.01 -8.28 21.41
C ASP A 297 -5.71 -7.46 21.45
N GLY A 298 -5.23 -7.05 20.27
CA GLY A 298 -4.03 -6.25 20.17
C GLY A 298 -2.82 -7.09 19.79
N PRO A 299 -1.70 -6.43 19.50
CA PRO A 299 -0.50 -7.19 19.13
C PRO A 299 0.10 -7.92 20.33
N ILE A 300 0.73 -9.06 20.05
CA ILE A 300 1.50 -9.78 21.08
C ILE A 300 2.92 -10.01 20.55
N ASN A 301 3.90 -10.10 21.45
CA ASN A 301 5.21 -10.55 21.01
C ASN A 301 5.45 -11.98 21.39
N ILE A 302 5.46 -12.81 20.37
CA ILE A 302 5.51 -14.25 20.55
C ILE A 302 6.79 -14.72 21.20
N ARG A 303 7.84 -13.90 21.18
CA ARG A 303 9.09 -14.28 21.85
CA ARG A 303 9.11 -14.24 21.85
C ARG A 303 8.96 -14.27 23.36
N ASN A 304 7.94 -13.57 23.88
CA ASN A 304 7.78 -13.46 25.33
C ASN A 304 7.64 -14.82 25.98
N ALA A 305 8.30 -14.99 27.11
CA ALA A 305 8.31 -16.25 27.84
C ALA A 305 6.92 -16.74 28.20
N ARG A 306 5.95 -15.84 28.32
CA ARG A 306 4.59 -16.24 28.68
C ARG A 306 3.95 -17.16 27.65
N PHE A 307 4.52 -17.22 26.44
CA PHE A 307 3.96 -18.06 25.39
C PHE A 307 4.62 -19.43 25.25
N SER A 308 5.61 -19.71 26.09
CA SER A 308 6.43 -20.91 25.91
C SER A 308 5.65 -22.22 26.02
N GLU A 309 4.55 -22.23 26.77
CA GLU A 309 3.74 -23.43 26.90
C GLU A 309 2.28 -23.18 26.55
N ASP A 310 2.04 -22.14 25.75
CA ASP A 310 0.69 -21.74 25.39
C ASP A 310 0.24 -22.53 24.15
N LEU A 311 -0.72 -23.44 24.32
CA LEU A 311 -1.16 -24.28 23.21
C LEU A 311 -2.19 -23.63 22.28
N LYS A 312 -2.67 -22.45 22.67
CA LYS A 312 -3.62 -21.73 21.83
C LYS A 312 -2.96 -21.25 20.54
N PRO A 313 -3.77 -21.06 19.48
CA PRO A 313 -3.21 -20.44 18.27
C PRO A 313 -2.88 -18.96 18.51
N LEU A 314 -2.18 -18.34 17.56
CA LEU A 314 -1.83 -16.93 17.69
C LEU A 314 -3.05 -16.08 18.02
N ASP A 315 -4.16 -16.31 17.32
CA ASP A 315 -5.41 -15.62 17.62
C ASP A 315 -6.55 -16.62 17.64
N SER A 316 -7.43 -16.46 18.62
CA SER A 316 -8.50 -17.42 18.90
C SER A 316 -9.61 -17.51 17.84
N GLU A 317 -9.74 -16.47 17.03
CA GLU A 317 -10.81 -16.41 16.03
C GLU A 317 -10.29 -16.54 14.61
N CYS A 318 -8.99 -16.28 14.44
CA CYS A 318 -8.38 -16.22 13.12
C CYS A 318 -8.58 -17.49 12.32
N HIS A 319 -8.93 -17.33 11.05
CA HIS A 319 -9.22 -18.46 10.19
C HIS A 319 -8.02 -18.94 9.38
N CYS A 320 -6.83 -18.38 9.63
CA CYS A 320 -5.69 -18.71 8.77
C CYS A 320 -5.15 -20.12 9.01
N ALA A 321 -4.39 -20.63 8.04
CA ALA A 321 -3.83 -21.98 8.15
C ALA A 321 -2.90 -22.14 9.34
N VAL A 322 -2.20 -21.07 9.70
CA VAL A 322 -1.29 -21.13 10.85
C VAL A 322 -2.05 -21.37 12.13
N CYS A 323 -3.15 -20.65 12.30
CA CYS A 323 -3.95 -20.77 13.51
C CYS A 323 -4.78 -22.06 13.55
N GLN A 324 -4.97 -22.70 12.40
CA GLN A 324 -5.65 -23.99 12.39
C GLN A 324 -4.72 -25.11 12.87
N LYS A 325 -3.41 -24.91 12.74
CA LYS A 325 -2.49 -26.03 12.94
C LYS A 325 -1.45 -25.90 14.06
N TRP A 326 -0.88 -24.72 14.26
CA TRP A 326 0.24 -24.59 15.19
C TRP A 326 -0.09 -23.73 16.39
N SER A 327 0.58 -24.05 17.50
CA SER A 327 0.41 -23.33 18.74
C SER A 327 1.34 -22.13 18.85
N ARG A 328 0.94 -21.20 19.72
CA ARG A 328 1.85 -20.16 20.16
C ARG A 328 3.17 -20.73 20.68
N ALA A 329 3.11 -21.82 21.45
CA ALA A 329 4.32 -22.42 22.01
C ALA A 329 5.31 -22.83 20.92
N TYR A 330 4.80 -23.43 19.83
CA TYR A 330 5.68 -23.86 18.77
C TYR A 330 6.29 -22.66 18.04
N ILE A 331 5.45 -21.67 17.75
CA ILE A 331 5.94 -20.50 17.03
C ILE A 331 6.94 -19.72 17.89
N HIS A 332 6.68 -19.64 19.19
CA HIS A 332 7.60 -19.05 20.15
C HIS A 332 8.97 -19.72 20.05
N HIS A 333 8.96 -21.05 20.08
CA HIS A 333 10.19 -21.82 19.92
C HIS A 333 10.90 -21.49 18.61
N LEU A 334 10.16 -21.49 17.51
CA LEU A 334 10.77 -21.20 16.20
C LEU A 334 11.42 -19.82 16.14
N ILE A 335 10.71 -18.80 16.61
CA ILE A 335 11.24 -17.44 16.52
C ILE A 335 12.46 -17.27 17.44
N ARG A 336 12.40 -17.84 18.64
CA ARG A 336 13.54 -17.75 19.54
C ARG A 336 14.75 -18.51 18.99
N ALA A 337 14.51 -19.55 18.22
CA ALA A 337 15.58 -20.33 17.60
C ALA A 337 16.11 -19.70 16.30
N GLY A 338 15.48 -18.63 15.83
CA GLY A 338 15.88 -18.00 14.58
C GLY A 338 15.54 -18.84 13.35
N GLU A 339 14.53 -19.69 13.47
CA GLU A 339 14.15 -20.59 12.39
C GLU A 339 13.33 -19.90 11.31
N ILE A 340 13.66 -20.17 10.06
CA ILE A 340 12.92 -19.62 8.93
C ILE A 340 11.41 -19.92 9.00
N LEU A 341 11.04 -21.12 9.43
CA LEU A 341 9.62 -21.44 9.53
C LEU A 341 8.89 -20.50 10.49
N GLY A 342 9.59 -20.01 11.52
CA GLY A 342 8.99 -19.02 12.39
C GLY A 342 8.57 -17.77 11.64
N ALA A 343 9.48 -17.24 10.82
CA ALA A 343 9.17 -16.07 10.00
C ALA A 343 8.02 -16.37 9.03
N MET A 344 8.04 -17.55 8.41
CA MET A 344 6.97 -17.93 7.49
C MET A 344 5.60 -17.94 8.17
N LEU A 345 5.50 -18.59 9.31
CA LEU A 345 4.21 -18.74 9.96
C LEU A 345 3.71 -17.40 10.52
N MET A 346 4.60 -16.63 11.13
CA MET A 346 4.20 -15.33 11.64
C MET A 346 3.72 -14.42 10.53
N THR A 347 4.43 -14.44 9.40
CA THR A 347 4.07 -13.58 8.29
C THR A 347 2.74 -13.97 7.68
N GLU A 348 2.53 -15.27 7.48
CA GLU A 348 1.27 -15.74 6.92
C GLU A 348 0.11 -15.35 7.83
N HIS A 349 0.27 -15.56 9.13
CA HIS A 349 -0.78 -15.17 10.04
C HIS A 349 -1.05 -13.65 9.98
N ASN A 350 0.00 -12.85 10.02
CA ASN A 350 -0.21 -11.39 10.05
C ASN A 350 -0.89 -10.86 8.80
N ILE A 351 -0.47 -11.37 7.64
CA ILE A 351 -1.10 -10.94 6.40
C ILE A 351 -2.55 -11.42 6.36
N ALA A 352 -2.80 -12.64 6.84
CA ALA A 352 -4.16 -13.15 6.92
C ALA A 352 -5.01 -12.30 7.87
N PHE A 353 -4.43 -11.90 9.00
CA PHE A 353 -5.15 -11.03 9.94
C PHE A 353 -5.53 -9.72 9.25
N TYR A 354 -4.57 -9.11 8.55
CA TYR A 354 -4.87 -7.87 7.83
C TYR A 354 -5.99 -8.06 6.80
N GLN A 355 -5.96 -9.17 6.08
CA GLN A 355 -7.03 -9.44 5.11
C GLN A 355 -8.38 -9.67 5.78
N GLN A 356 -8.39 -10.37 6.92
CA GLN A 356 -9.63 -10.55 7.66
C GLN A 356 -10.17 -9.22 8.19
N LEU A 357 -9.26 -8.33 8.62
CA LEU A 357 -9.66 -6.99 9.01
C LEU A 357 -10.34 -6.29 7.83
N MET A 358 -9.72 -6.37 6.65
CA MET A 358 -10.32 -5.71 5.49
C MET A 358 -11.67 -6.33 5.14
N GLN A 359 -11.79 -7.64 5.25
CA GLN A 359 -13.06 -8.31 4.99
C GLN A 359 -14.14 -7.86 5.95
N LYS A 360 -13.80 -7.75 7.23
CA LYS A 360 -14.76 -7.27 8.23
C LYS A 360 -15.18 -5.83 7.95
N ILE A 361 -14.23 -5.01 7.52
CA ILE A 361 -14.52 -3.64 7.15
C ILE A 361 -15.49 -3.61 5.96
N ARG A 362 -15.19 -4.38 4.92
CA ARG A 362 -16.04 -4.42 3.73
C ARG A 362 -17.45 -4.92 4.06
N ASP A 363 -17.53 -5.99 4.83
CA ASP A 363 -18.83 -6.53 5.20
C ASP A 363 -19.62 -5.55 6.05
N SER A 364 -18.95 -4.93 7.01
CA SER A 364 -19.70 -4.02 7.89
C SER A 364 -20.19 -2.78 7.13
N ILE A 365 -19.38 -2.23 6.23
CA ILE A 365 -19.87 -1.12 5.41
C ILE A 365 -21.06 -1.56 4.55
N SER A 366 -20.94 -2.72 3.90
CA SER A 366 -22.00 -3.28 3.07
CA SER A 366 -22.02 -3.19 3.06
C SER A 366 -23.32 -3.41 3.84
N GLU A 367 -23.20 -3.74 5.11
CA GLU A 367 -24.35 -4.00 5.97
C GLU A 367 -24.77 -2.79 6.79
N GLY A 368 -24.07 -1.66 6.62
CA GLY A 368 -24.44 -0.43 7.29
C GLY A 368 -24.19 -0.45 8.79
N ARG A 369 -23.20 -1.22 9.22
CA ARG A 369 -22.85 -1.31 10.63
C ARG A 369 -21.34 -1.10 10.85
N PHE A 370 -20.72 -0.32 9.98
CA PHE A 370 -19.29 -0.07 10.09
C PHE A 370 -18.93 0.79 11.31
N SER A 371 -19.78 1.77 11.63
CA SER A 371 -19.54 2.60 12.81
C SER A 371 -19.48 1.73 14.07
N GLN A 372 -20.41 0.79 14.17
CA GLN A 372 -20.42 -0.13 15.31
C GLN A 372 -19.20 -1.03 15.28
N PHE A 373 -18.82 -1.50 14.08
CA PHE A 373 -17.63 -2.34 13.97
C PHE A 373 -16.39 -1.60 14.45
N ALA A 374 -16.23 -0.35 14.02
CA ALA A 374 -15.06 0.43 14.41
C ALA A 374 -14.99 0.58 15.91
N GLN A 375 -16.13 0.85 16.53
CA GLN A 375 -16.21 1.00 17.97
C GLN A 375 -15.87 -0.31 18.68
N ASP A 376 -16.49 -1.41 18.25
CA ASP A 376 -16.23 -2.73 18.84
C ASP A 376 -14.77 -3.13 18.65
N PHE A 377 -14.25 -2.89 17.45
CA PHE A 377 -12.87 -3.22 17.15
C PHE A 377 -11.90 -2.53 18.12
N ARG A 378 -12.08 -1.22 18.29
CA ARG A 378 -11.19 -0.44 19.14
C ARG A 378 -11.28 -0.82 20.61
N ALA A 379 -12.50 -1.04 21.08
CA ALA A 379 -12.71 -1.36 22.49
C ALA A 379 -11.98 -2.65 22.85
N ARG A 380 -12.00 -3.61 21.93
CA ARG A 380 -11.35 -4.88 22.19
C ARG A 380 -9.84 -4.84 21.92
N TYR A 381 -9.46 -4.20 20.82
CA TYR A 381 -8.06 -4.18 20.40
C TYR A 381 -7.19 -3.46 21.42
N PHE A 382 -7.76 -2.42 22.03
CA PHE A 382 -7.03 -1.60 23.01
C PHE A 382 -7.43 -1.83 24.46
N ALA A 383 -8.14 -2.92 24.73
CA ALA A 383 -8.59 -3.23 26.09
C ALA A 383 -7.42 -3.38 27.07
ZN ZN B . -3.92 -16.80 12.12
C1 GOL C . -0.64 -16.92 -6.86
O1 GOL C . 0.06 -18.09 -7.17
C2 GOL C . -1.39 -16.47 -8.10
O2 GOL C . -0.46 -15.96 -9.04
C3 GOL C . -2.40 -15.41 -7.69
O3 GOL C . -3.57 -15.62 -8.44
C1 GOL D . -17.39 4.80 -9.04
O1 GOL D . -17.29 5.46 -7.81
C2 GOL D . -18.86 4.82 -9.49
O2 GOL D . -19.20 6.13 -9.88
C3 GOL D . -19.72 4.39 -8.32
O3 GOL D . -20.02 3.02 -8.48
C1 GOL E . -5.02 -20.75 4.30
O1 GOL E . -4.21 -21.36 3.32
C2 GOL E . -4.64 -19.29 4.53
O2 GOL E . -3.77 -19.13 5.64
C3 GOL E . -5.96 -18.57 4.81
O3 GOL E . -5.71 -17.27 5.29
C1 GOL F . -2.49 -25.96 18.45
O1 GOL F . -2.29 -26.41 19.79
C2 GOL F . -3.85 -25.30 18.30
O2 GOL F . -4.86 -26.27 18.50
C3 GOL F . -4.01 -24.72 16.91
O3 GOL F . -5.30 -24.14 16.81
C1 GOL G . -10.01 -11.55 -15.12
O1 GOL G . -8.66 -11.86 -14.84
C2 GOL G . -10.59 -10.73 -13.99
O2 GOL G . -11.39 -11.56 -13.18
C3 GOL G . -11.44 -9.59 -14.54
O3 GOL G . -11.61 -8.57 -13.58
C1 GOL H . -13.47 -7.10 16.32
O1 GOL H . -13.32 -6.96 17.72
C2 GOL H . -14.31 -8.34 16.03
O2 GOL H . -15.04 -8.12 14.85
C3 GOL H . -13.37 -9.53 15.82
O3 GOL H . -14.12 -10.70 15.66
C1 GOL I . -9.02 -15.72 -1.96
O1 GOL I . -8.36 -16.87 -1.48
C2 GOL I . -10.30 -15.50 -1.15
O2 GOL I . -11.38 -15.45 -2.06
C3 GOL I . -10.17 -14.15 -0.47
O3 GOL I . -11.05 -13.98 0.61
C1 2YW J . 4.62 8.46 -0.16
C2 2YW J . 4.42 8.63 1.20
C3 2YW J . 4.64 7.57 2.07
C4 2YW J . 5.05 6.32 1.56
C5 2YW J . 5.24 6.15 0.19
C6 2YW J . 5.03 7.23 -0.68
C7 2YW J . 4.43 9.59 -1.10
N8 2YW J . 5.21 7.09 -2.01
C9 2YW J . 5.07 8.14 -2.85
N10 2YW J . 5.28 7.97 -4.16
N11 2YW J . 4.68 9.36 -2.41
N12 2YW J . 4.52 7.46 3.42
N13 2YW J . 5.20 5.48 2.61
C14 2YW J . 4.86 6.21 3.70
N15 2YW J . 4.87 5.73 4.97
C16 2YW J . 5.60 4.51 5.30
C17 2YW J . 5.56 4.12 6.78
O18 2YW J . 4.08 10.72 -0.71
C19 2YW J . 7.63 6.87 9.33
C20 2YW J . 8.31 7.83 10.25
O21 2YW J . 9.43 8.64 9.78
C22 2YW J . 10.18 9.42 10.71
C23 2YW J . 8.27 6.39 8.20
C24 2YW J . 7.61 5.50 7.36
C25 2YW J . 6.31 5.10 7.66
C26 2YW J . 5.69 5.58 8.81
C27 2YW J . 6.34 6.46 9.64
O28 2YW J . 7.93 7.97 11.40
#